data_1TLY
#
_entry.id   1TLY
#
_cell.length_a   149.778
_cell.length_b   149.778
_cell.length_c   120.888
_cell.angle_alpha   90.00
_cell.angle_beta   90.00
_cell.angle_gamma   120.00
#
_symmetry.space_group_name_H-M   'P 32 2 1'
#
_entity_poly.entity_id   1
_entity_poly.type   'polypeptide(L)'
_entity_poly.pdbx_seq_one_letter_code
;AENDKPQYLSDWWHQSVNVVGSYHTRFGPQIRNDTYLEYEAFAKKDWFDFYGYADAPVFFGGNSDAKGIWNHGSPLFMEI
EPRFSIDKLTNTDLSFGPFKEWYFANNYIYDMGRNKDGRQSTWYMGLGTDIDTGLPMSLSMNVYAKYQWQNYGAANENEW
DGYRFKIKYFVPITDLWGGQLSYIGFTNFDWGSDLGDDSGNAINGIKTRTNNSIASSHILALNYDHWHYSVVARYWHDGG
QWNDDAELNFGNGNFNVRSTGWGGYLVVGYNFHHHHHH
;
_entity_poly.pdbx_strand_id   A,B
#
# COMPACT_ATOMS: atom_id res chain seq x y z
N LEU A 9 -30.09 -8.68 -7.65
CA LEU A 9 -29.80 -10.03 -8.23
C LEU A 9 -28.37 -10.46 -7.90
N SER A 10 -28.21 -11.73 -7.53
CA SER A 10 -26.90 -12.30 -7.18
C SER A 10 -25.82 -12.00 -8.22
N ASP A 11 -26.24 -11.90 -9.48
CA ASP A 11 -25.31 -11.63 -10.57
C ASP A 11 -24.37 -10.48 -10.23
N TRP A 12 -24.95 -9.34 -9.85
CA TRP A 12 -24.18 -8.14 -9.53
C TRP A 12 -24.37 -7.62 -8.11
N TRP A 13 -25.54 -7.90 -7.52
CA TRP A 13 -25.87 -7.45 -6.18
C TRP A 13 -25.65 -8.50 -5.09
N HIS A 14 -24.76 -8.20 -4.15
CA HIS A 14 -24.46 -9.13 -3.06
C HIS A 14 -24.88 -8.58 -1.71
N GLN A 15 -25.54 -9.41 -0.90
CA GLN A 15 -25.95 -8.97 0.42
C GLN A 15 -25.38 -9.87 1.50
N SER A 16 -25.34 -9.33 2.70
CA SER A 16 -24.81 -10.05 3.85
C SER A 16 -25.31 -9.44 5.15
N VAL A 17 -25.59 -10.29 6.13
CA VAL A 17 -26.02 -9.81 7.43
C VAL A 17 -24.91 -10.28 8.35
N ASN A 18 -24.44 -9.42 9.24
CA ASN A 18 -23.34 -9.78 10.12
C ASN A 18 -23.52 -9.39 11.55
N VAL A 19 -22.74 -10.00 12.42
CA VAL A 19 -22.74 -9.68 13.84
C VAL A 19 -21.34 -9.10 14.03
N VAL A 20 -21.23 -7.98 14.72
CA VAL A 20 -19.92 -7.36 14.87
C VAL A 20 -19.56 -7.04 16.30
N GLY A 21 -18.33 -7.35 16.67
CA GLY A 21 -17.84 -7.04 18.00
C GLY A 21 -16.69 -6.08 17.79
N SER A 22 -16.75 -4.90 18.39
CA SER A 22 -15.68 -3.92 18.25
C SER A 22 -14.94 -3.74 19.57
N TYR A 23 -13.66 -3.40 19.49
CA TYR A 23 -12.84 -3.21 20.69
C TYR A 23 -11.89 -2.01 20.58
N HIS A 24 -12.10 -1.01 21.43
CA HIS A 24 -11.24 0.17 21.45
C HIS A 24 -11.38 1.08 20.25
N THR A 25 -12.63 1.28 19.87
CA THR A 25 -13.02 2.15 18.76
C THR A 25 -12.62 3.59 19.06
N ARG A 26 -12.30 4.40 18.03
CA ARG A 26 -11.87 5.77 18.31
C ARG A 26 -12.49 6.95 17.53
N PHE A 27 -13.72 6.78 17.06
CA PHE A 27 -14.38 7.87 16.36
C PHE A 27 -14.93 8.92 17.30
N GLY A 28 -15.03 8.63 18.59
CA GLY A 28 -15.59 9.61 19.51
C GLY A 28 -14.66 10.06 20.61
N PRO A 29 -15.13 10.96 21.49
CA PRO A 29 -14.35 11.50 22.61
C PRO A 29 -13.84 10.42 23.55
N GLN A 30 -14.68 9.43 23.85
CA GLN A 30 -14.29 8.34 24.75
C GLN A 30 -14.19 7.03 24.01
N ILE A 31 -13.26 6.16 24.43
CA ILE A 31 -13.08 4.87 23.78
C ILE A 31 -14.34 4.02 23.88
N ARG A 32 -14.54 3.13 22.92
CA ARG A 32 -15.72 2.29 22.92
C ARG A 32 -15.49 0.86 22.47
N ASN A 33 -16.38 -0.01 22.94
CA ASN A 33 -16.36 -1.43 22.63
C ASN A 33 -17.82 -1.73 22.46
N ASP A 34 -18.22 -2.20 21.29
CA ASP A 34 -19.62 -2.47 21.04
C ASP A 34 -19.82 -3.76 20.26
N THR A 35 -21.09 -4.17 20.18
CA THR A 35 -21.46 -5.36 19.44
C THR A 35 -22.72 -4.94 18.73
N TYR A 36 -22.95 -5.41 17.53
CA TYR A 36 -24.15 -5.00 16.84
C TYR A 36 -24.41 -5.75 15.57
N LEU A 37 -25.60 -5.59 15.02
CA LEU A 37 -25.96 -6.24 13.77
C LEU A 37 -25.60 -5.31 12.62
N GLU A 38 -25.31 -5.88 11.47
CA GLU A 38 -24.92 -5.09 10.32
C GLU A 38 -25.39 -5.69 9.03
N TYR A 39 -25.88 -4.83 8.15
CA TYR A 39 -26.31 -5.24 6.83
C TYR A 39 -25.32 -4.67 5.82
N GLU A 40 -24.82 -5.54 4.93
CA GLU A 40 -23.87 -5.15 3.90
C GLU A 40 -24.42 -5.40 2.53
N ALA A 41 -23.91 -4.64 1.56
CA ALA A 41 -24.32 -4.77 0.16
C ALA A 41 -23.21 -4.27 -0.73
N PHE A 42 -22.81 -5.08 -1.70
CA PHE A 42 -21.79 -4.73 -2.65
C PHE A 42 -22.37 -4.94 -4.04
N ALA A 43 -22.30 -3.94 -4.91
CA ALA A 43 -22.83 -4.09 -6.26
C ALA A 43 -21.84 -3.60 -7.30
N LYS A 44 -22.01 -4.08 -8.54
CA LYS A 44 -21.12 -3.70 -9.65
C LYS A 44 -21.81 -3.98 -10.97
N LYS A 45 -22.39 -2.95 -11.57
CA LYS A 45 -23.10 -3.10 -12.84
C LYS A 45 -22.44 -2.15 -13.83
N ASP A 46 -22.17 -2.65 -15.03
CA ASP A 46 -21.51 -1.90 -16.09
C ASP A 46 -21.20 -0.41 -15.87
N TRP A 47 -22.17 0.41 -15.45
CA TRP A 47 -21.85 1.83 -15.27
C TRP A 47 -21.75 2.34 -13.84
N PHE A 48 -21.95 1.47 -12.86
CA PHE A 48 -21.85 1.92 -11.48
C PHE A 48 -21.51 0.82 -10.48
N ASP A 49 -20.64 1.14 -9.52
CA ASP A 49 -20.30 0.16 -8.50
C ASP A 49 -20.76 0.73 -7.17
N PHE A 50 -21.00 -0.12 -6.20
CA PHE A 50 -21.51 0.36 -4.92
C PHE A 50 -21.15 -0.50 -3.73
N TYR A 51 -21.00 0.15 -2.60
CA TYR A 51 -20.73 -0.54 -1.37
C TYR A 51 -21.39 0.25 -0.28
N GLY A 52 -21.96 -0.44 0.69
CA GLY A 52 -22.60 0.25 1.77
C GLY A 52 -22.82 -0.70 2.90
N TYR A 53 -23.09 -0.17 4.08
CA TYR A 53 -23.34 -1.02 5.23
C TYR A 53 -24.13 -0.24 6.27
N ALA A 54 -24.99 -0.96 7.00
CA ALA A 54 -25.79 -0.35 8.06
C ALA A 54 -25.63 -1.13 9.36
N ASP A 55 -25.41 -0.41 10.46
CA ASP A 55 -25.25 -0.99 11.77
C ASP A 55 -26.38 -0.62 12.70
N ALA A 56 -26.87 -1.59 13.46
CA ALA A 56 -27.93 -1.39 14.42
C ALA A 56 -27.53 -2.13 15.69
N PRO A 57 -27.93 -1.61 16.85
CA PRO A 57 -27.64 -2.17 18.16
C PRO A 57 -27.96 -3.64 18.37
N VAL A 58 -27.14 -4.25 19.23
CA VAL A 58 -27.21 -5.64 19.66
C VAL A 58 -28.32 -6.48 19.01
N PRO A 75 -28.72 3.19 17.45
CA PRO A 75 -30.06 3.32 16.86
C PRO A 75 -30.03 3.00 15.37
N LEU A 76 -29.07 3.57 14.65
CA LEU A 76 -28.92 3.33 13.22
C LEU A 76 -27.78 4.13 12.62
N PHE A 77 -26.81 3.43 12.05
CA PHE A 77 -25.67 4.07 11.43
C PHE A 77 -25.41 3.45 10.07
N MET A 78 -25.41 4.25 9.00
CA MET A 78 -25.14 3.68 7.70
C MET A 78 -24.13 4.52 6.96
N GLU A 79 -23.41 3.86 6.06
CA GLU A 79 -22.41 4.51 5.25
C GLU A 79 -22.54 3.90 3.86
N ILE A 80 -22.74 4.73 2.84
CA ILE A 80 -22.87 4.20 1.49
C ILE A 80 -21.80 4.82 0.62
N GLU A 81 -21.33 4.04 -0.35
CA GLU A 81 -20.29 4.47 -1.26
C GLU A 81 -20.66 4.25 -2.71
N PRO A 82 -21.59 5.06 -3.25
CA PRO A 82 -21.93 4.85 -4.66
C PRO A 82 -20.96 5.59 -5.60
N ARG A 83 -20.64 4.96 -6.72
CA ARG A 83 -19.76 5.56 -7.71
C ARG A 83 -20.32 5.35 -9.10
N PHE A 84 -20.25 6.41 -9.91
CA PHE A 84 -20.74 6.36 -11.29
C PHE A 84 -19.58 6.48 -12.27
N SER A 85 -19.59 5.61 -13.27
CA SER A 85 -18.52 5.59 -14.27
C SER A 85 -18.63 6.73 -15.28
N ILE A 86 -17.63 7.61 -15.26
CA ILE A 86 -17.62 8.73 -16.18
C ILE A 86 -17.44 8.13 -17.57
N ASP A 87 -16.57 7.13 -17.68
CA ASP A 87 -16.34 6.48 -18.95
C ASP A 87 -17.65 5.96 -19.52
N LYS A 88 -18.24 4.97 -18.87
CA LYS A 88 -19.50 4.40 -19.33
C LYS A 88 -20.54 5.45 -19.68
N LEU A 89 -20.71 6.44 -18.82
CA LEU A 89 -21.69 7.48 -19.06
C LEU A 89 -21.29 8.44 -20.18
N THR A 90 -20.07 8.96 -20.12
CA THR A 90 -19.57 9.88 -21.15
C THR A 90 -19.34 9.09 -22.43
N ASN A 91 -19.31 7.77 -22.28
CA ASN A 91 -19.09 6.88 -23.41
C ASN A 91 -17.81 7.31 -24.14
N THR A 92 -16.76 7.54 -23.36
CA THR A 92 -15.48 7.96 -23.88
C THR A 92 -14.36 7.29 -23.08
N ASP A 93 -13.56 6.47 -23.74
CA ASP A 93 -12.47 5.78 -23.06
C ASP A 93 -11.50 6.79 -22.44
N LEU A 94 -11.72 7.13 -21.17
CA LEU A 94 -10.85 8.06 -20.48
C LEU A 94 -9.69 7.31 -19.85
N SER A 95 -9.56 6.04 -20.21
CA SER A 95 -8.47 5.22 -19.68
C SER A 95 -7.11 5.86 -19.98
N PHE A 96 -6.22 5.84 -19.01
CA PHE A 96 -4.89 6.42 -19.18
C PHE A 96 -3.88 5.90 -18.15
N GLY A 97 -2.80 5.33 -18.65
CA GLY A 97 -1.78 4.78 -17.77
C GLY A 97 -2.34 3.63 -16.94
N PRO A 98 -2.03 3.60 -15.64
CA PRO A 98 -2.51 2.55 -14.73
C PRO A 98 -3.99 2.76 -14.46
N PHE A 99 -4.47 3.95 -14.79
CA PHE A 99 -5.86 4.33 -14.58
C PHE A 99 -6.84 3.71 -15.55
N LYS A 100 -7.44 2.60 -15.12
CA LYS A 100 -8.40 1.85 -15.93
C LYS A 100 -9.71 2.59 -16.17
N GLU A 101 -10.26 3.18 -15.13
CA GLU A 101 -11.53 3.89 -15.25
C GLU A 101 -11.60 5.11 -14.33
N TRP A 102 -12.57 5.98 -14.59
CA TRP A 102 -12.75 7.17 -13.78
C TRP A 102 -14.19 7.23 -13.30
N TYR A 103 -14.38 7.72 -12.08
CA TYR A 103 -15.71 7.79 -11.50
C TYR A 103 -16.08 9.07 -10.78
N PHE A 104 -17.39 9.31 -10.75
CA PHE A 104 -17.95 10.40 -9.98
C PHE A 104 -18.17 9.61 -8.66
N ALA A 105 -17.35 9.88 -7.67
CA ALA A 105 -17.41 9.16 -6.40
C ALA A 105 -18.19 9.82 -5.25
N ASN A 106 -18.89 9.00 -4.48
CA ASN A 106 -19.65 9.49 -3.33
C ASN A 106 -19.55 8.62 -2.08
N ASN A 107 -19.21 9.26 -0.97
CA ASN A 107 -19.10 8.58 0.31
C ASN A 107 -20.05 9.31 1.26
N TYR A 108 -21.22 8.74 1.49
CA TYR A 108 -22.20 9.36 2.37
C TYR A 108 -22.38 8.62 3.72
N ILE A 109 -22.22 9.37 4.81
CA ILE A 109 -22.34 8.79 6.15
C ILE A 109 -23.50 9.37 6.93
N TYR A 110 -24.35 8.50 7.43
CA TYR A 110 -25.51 8.89 8.23
C TYR A 110 -25.55 8.17 9.59
N ASP A 111 -25.81 8.94 10.62
CA ASP A 111 -25.88 8.43 11.97
C ASP A 111 -27.09 9.07 12.61
N MET A 112 -28.14 8.29 12.85
CA MET A 112 -29.37 8.80 13.43
C MET A 112 -29.26 9.35 14.86
N GLY A 113 -28.38 8.75 15.66
CA GLY A 113 -28.20 9.19 17.03
C GLY A 113 -29.46 9.06 17.89
N ARG A 114 -29.32 9.28 19.20
CA ARG A 114 -30.47 9.17 20.11
C ARG A 114 -31.30 10.43 20.16
N ASN A 115 -30.71 11.55 19.72
CA ASN A 115 -31.41 12.84 19.71
C ASN A 115 -31.46 13.27 18.26
N LYS A 116 -31.73 14.56 18.07
CA LYS A 116 -31.77 15.16 16.74
C LYS A 116 -30.46 15.95 16.77
N ASP A 117 -29.88 16.02 17.96
CA ASP A 117 -28.64 16.72 18.22
C ASP A 117 -27.43 15.80 18.01
N GLY A 118 -27.50 14.60 18.58
CA GLY A 118 -26.41 13.65 18.45
C GLY A 118 -26.41 12.88 17.14
N ARG A 119 -26.68 13.56 16.03
CA ARG A 119 -26.69 12.89 14.74
C ARG A 119 -25.65 13.43 13.75
N GLN A 120 -25.47 12.68 12.66
CA GLN A 120 -24.52 13.06 11.64
C GLN A 120 -24.99 12.76 10.22
N SER A 121 -24.75 13.71 9.32
CA SER A 121 -25.09 13.52 7.92
C SER A 121 -23.94 14.13 7.14
N THR A 122 -23.11 13.28 6.55
CA THR A 122 -21.95 13.76 5.83
C THR A 122 -21.86 13.28 4.40
N TRP A 123 -21.67 14.23 3.49
CA TRP A 123 -21.57 13.88 2.09
C TRP A 123 -20.25 14.23 1.43
N TYR A 124 -19.50 13.20 1.02
CA TYR A 124 -18.23 13.39 0.34
C TYR A 124 -18.47 13.08 -1.13
N MET A 125 -18.12 14.02 -2.02
CA MET A 125 -18.30 13.83 -3.46
C MET A 125 -17.01 14.22 -4.16
N GLY A 126 -16.72 13.55 -5.26
CA GLY A 126 -15.48 13.83 -5.96
C GLY A 126 -15.13 12.89 -7.09
N LEU A 127 -13.84 12.79 -7.34
CA LEU A 127 -13.32 11.98 -8.43
C LEU A 127 -12.67 10.70 -7.92
N GLY A 128 -12.99 9.59 -8.57
CA GLY A 128 -12.42 8.31 -8.18
C GLY A 128 -11.80 7.55 -9.33
N THR A 129 -11.11 6.45 -9.05
CA THR A 129 -10.46 5.68 -10.11
C THR A 129 -10.10 4.26 -9.70
N ASP A 130 -9.82 3.44 -10.71
CA ASP A 130 -9.38 2.06 -10.52
C ASP A 130 -7.96 1.95 -11.09
N ILE A 131 -7.01 1.48 -10.29
CA ILE A 131 -5.64 1.35 -10.77
C ILE A 131 -5.28 -0.07 -11.17
N ASP A 132 -4.55 -0.19 -12.26
CA ASP A 132 -4.10 -1.50 -12.73
C ASP A 132 -2.64 -1.67 -12.33
N THR A 133 -2.39 -2.40 -11.26
CA THR A 133 -1.03 -2.62 -10.77
C THR A 133 -0.29 -3.77 -11.45
N GLY A 134 -0.97 -4.51 -12.33
CA GLY A 134 -0.32 -5.62 -12.98
C GLY A 134 -0.05 -6.74 -11.98
N LEU A 135 -0.56 -6.57 -10.78
CA LEU A 135 -0.41 -7.56 -9.71
C LEU A 135 -1.79 -8.17 -9.51
N PRO A 136 -1.88 -9.30 -8.77
CA PRO A 136 -3.14 -9.99 -8.51
C PRO A 136 -3.91 -9.32 -7.37
N MET A 137 -4.30 -8.06 -7.58
CA MET A 137 -5.02 -7.31 -6.56
C MET A 137 -5.90 -6.28 -7.23
N SER A 138 -6.63 -5.54 -6.41
CA SER A 138 -7.49 -4.46 -6.88
C SER A 138 -7.07 -3.26 -6.07
N LEU A 139 -7.02 -2.10 -6.72
CA LEU A 139 -6.61 -0.86 -6.06
C LEU A 139 -7.48 0.28 -6.53
N SER A 140 -8.03 1.04 -5.58
CA SER A 140 -8.86 2.19 -5.92
C SER A 140 -8.46 3.41 -5.11
N MET A 141 -8.58 4.58 -5.73
CA MET A 141 -8.25 5.85 -5.10
C MET A 141 -9.37 6.84 -5.39
N ASN A 142 -9.73 7.62 -4.38
CA ASN A 142 -10.78 8.63 -4.52
C ASN A 142 -10.42 9.89 -3.76
N VAL A 143 -10.89 11.03 -4.25
CA VAL A 143 -10.68 12.31 -3.59
C VAL A 143 -12.04 12.96 -3.57
N TYR A 144 -12.38 13.53 -2.42
CA TYR A 144 -13.67 14.15 -2.30
C TYR A 144 -13.59 15.47 -1.60
N ALA A 145 -14.63 16.23 -1.81
CA ALA A 145 -14.82 17.51 -1.15
C ALA A 145 -16.10 17.13 -0.39
N LYS A 146 -16.41 17.81 0.70
CA LYS A 146 -17.63 17.43 1.38
C LYS A 146 -18.45 18.55 1.98
N TYR A 147 -19.76 18.31 2.02
CA TYR A 147 -20.68 19.22 2.65
C TYR A 147 -21.08 18.52 3.94
N GLN A 148 -21.07 19.28 5.02
CA GLN A 148 -21.42 18.76 6.32
C GLN A 148 -22.79 19.28 6.74
N TRP A 149 -23.70 18.39 7.10
CA TRP A 149 -24.99 18.80 7.59
C TRP A 149 -24.86 18.68 9.08
N GLN A 150 -25.59 17.74 9.70
CA GLN A 150 -25.46 17.57 11.14
C GLN A 150 -24.16 16.85 11.43
N ASN A 151 -23.57 17.18 12.57
CA ASN A 151 -22.34 16.57 12.99
C ASN A 151 -22.28 16.64 14.52
N TYR A 152 -23.19 15.92 15.17
CA TYR A 152 -23.29 15.89 16.62
C TYR A 152 -23.17 17.27 17.28
N GLY A 153 -23.70 18.29 16.60
CA GLY A 153 -23.66 19.64 17.13
C GLY A 153 -22.31 20.33 17.08
N ALA A 154 -21.40 19.83 16.25
CA ALA A 154 -20.08 20.42 16.14
C ALA A 154 -20.12 21.77 15.39
N ALA A 155 -19.01 22.50 15.50
CA ALA A 155 -18.85 23.81 14.90
C ALA A 155 -18.80 23.83 13.38
N ASN A 156 -18.70 22.67 12.76
CA ASN A 156 -18.62 22.63 11.31
C ASN A 156 -19.90 22.15 10.66
N GLU A 157 -21.03 22.27 11.36
CA GLU A 157 -22.28 21.82 10.77
C GLU A 157 -22.74 22.77 9.67
N ASN A 158 -23.46 22.23 8.71
CA ASN A 158 -23.98 22.99 7.60
C ASN A 158 -23.04 23.96 6.93
N GLU A 159 -22.11 23.40 6.17
CA GLU A 159 -21.13 24.17 5.43
C GLU A 159 -20.27 23.22 4.63
N TRP A 160 -19.51 23.76 3.69
CA TRP A 160 -18.61 22.91 2.95
C TRP A 160 -17.43 22.89 3.88
N ASP A 161 -16.95 21.69 4.23
CA ASP A 161 -15.81 21.59 5.14
C ASP A 161 -14.93 20.36 4.92
N GLY A 162 -13.62 20.59 4.76
CA GLY A 162 -12.68 19.50 4.58
C GLY A 162 -12.73 18.67 3.31
N TYR A 163 -11.69 17.86 3.14
CA TYR A 163 -11.54 16.95 2.00
C TYR A 163 -11.12 15.58 2.46
N ARG A 164 -11.28 14.59 1.59
CA ARG A 164 -10.91 13.23 1.92
C ARG A 164 -10.30 12.44 0.77
N PHE A 165 -9.21 11.78 1.07
CA PHE A 165 -8.58 10.92 0.09
C PHE A 165 -8.80 9.50 0.63
N LYS A 166 -9.39 8.65 -0.20
CA LYS A 166 -9.66 7.30 0.23
C LYS A 166 -8.93 6.34 -0.70
N ILE A 167 -8.14 5.46 -0.11
CA ILE A 167 -7.43 4.47 -0.88
C ILE A 167 -7.82 3.10 -0.33
N LYS A 168 -8.27 2.20 -1.21
CA LYS A 168 -8.64 0.86 -0.75
C LYS A 168 -8.20 -0.19 -1.72
N TYR A 169 -7.68 -1.29 -1.18
CA TYR A 169 -7.20 -2.37 -2.01
C TYR A 169 -7.66 -3.75 -1.54
N PHE A 170 -7.87 -4.64 -2.51
CA PHE A 170 -8.32 -6.01 -2.25
C PHE A 170 -7.27 -6.99 -2.76
N VAL A 171 -6.88 -7.94 -1.92
CA VAL A 171 -5.86 -8.90 -2.30
C VAL A 171 -6.15 -10.34 -1.94
N PRO A 172 -6.52 -11.17 -2.94
CA PRO A 172 -6.81 -12.59 -2.73
C PRO A 172 -5.54 -13.27 -2.23
N ILE A 173 -5.60 -13.99 -1.12
CA ILE A 173 -4.41 -14.65 -0.61
C ILE A 173 -4.34 -16.13 -1.01
N THR A 174 -5.09 -16.99 -0.31
CA THR A 174 -5.11 -18.41 -0.63
C THR A 174 -6.37 -19.08 -0.13
N ASP A 175 -6.34 -20.42 -0.16
CA ASP A 175 -7.43 -21.20 0.36
C ASP A 175 -6.94 -21.68 1.71
N LEU A 176 -7.76 -21.50 2.73
CA LEU A 176 -7.40 -21.89 4.07
C LEU A 176 -8.64 -22.45 4.77
N TRP A 177 -8.49 -23.61 5.39
CA TRP A 177 -9.59 -24.28 6.08
C TRP A 177 -10.86 -24.47 5.27
N GLY A 178 -10.72 -24.75 3.98
CA GLY A 178 -11.90 -24.97 3.16
C GLY A 178 -12.54 -23.71 2.65
N GLY A 179 -12.03 -22.57 3.13
CA GLY A 179 -12.53 -21.28 2.68
C GLY A 179 -11.47 -20.52 1.92
N GLN A 180 -11.84 -19.32 1.48
CA GLN A 180 -10.91 -18.47 0.74
C GLN A 180 -10.47 -17.32 1.60
N LEU A 181 -9.19 -17.33 1.95
CA LEU A 181 -8.64 -16.26 2.75
C LEU A 181 -8.22 -15.08 1.89
N SER A 182 -8.55 -13.87 2.32
CA SER A 182 -8.15 -12.70 1.56
C SER A 182 -7.84 -11.53 2.48
N TYR A 183 -7.20 -10.51 1.91
CA TYR A 183 -6.82 -9.32 2.64
C TYR A 183 -7.44 -8.07 2.04
N ILE A 184 -7.95 -7.21 2.91
CA ILE A 184 -8.55 -5.98 2.45
C ILE A 184 -8.02 -4.86 3.29
N GLY A 185 -7.67 -3.76 2.62
CA GLY A 185 -7.18 -2.61 3.32
C GLY A 185 -7.68 -1.33 2.68
N PHE A 186 -8.03 -0.35 3.52
CA PHE A 186 -8.47 0.95 3.04
C PHE A 186 -8.17 1.99 4.10
N THR A 187 -7.88 3.21 3.65
CA THR A 187 -7.56 4.30 4.56
C THR A 187 -8.28 5.54 4.12
N ASN A 188 -8.74 6.31 5.11
CA ASN A 188 -9.43 7.56 4.86
C ASN A 188 -8.57 8.68 5.43
N PHE A 189 -7.95 9.46 4.54
CA PHE A 189 -7.15 10.60 4.95
C PHE A 189 -8.06 11.81 4.82
N ASP A 190 -8.36 12.45 5.95
CA ASP A 190 -9.22 13.60 5.98
C ASP A 190 -8.39 14.80 6.39
N TRP A 191 -8.56 15.91 5.69
CA TRP A 191 -7.82 17.10 6.05
C TRP A 191 -8.52 18.35 5.50
N GLY A 192 -8.08 19.51 5.96
CA GLY A 192 -8.66 20.75 5.49
C GLY A 192 -9.95 21.20 6.14
N SER A 193 -10.41 20.49 7.15
CA SER A 193 -11.63 20.89 7.83
C SER A 193 -11.29 22.13 8.64
N ASP A 194 -12.30 22.85 9.09
CA ASP A 194 -12.07 24.04 9.90
C ASP A 194 -12.32 23.84 11.38
N LEU A 195 -12.75 22.64 11.78
CA LEU A 195 -12.94 22.37 13.21
C LEU A 195 -11.58 22.52 13.84
N GLY A 196 -11.48 22.35 15.15
CA GLY A 196 -10.17 22.52 15.74
C GLY A 196 -9.92 24.02 15.80
N ASP A 197 -9.93 24.67 14.64
CA ASP A 197 -9.75 26.11 14.62
C ASP A 197 -10.96 26.68 15.35
N ASP A 198 -12.14 26.34 14.86
CA ASP A 198 -13.40 26.83 15.40
C ASP A 198 -13.96 26.19 16.66
N SER A 199 -13.21 25.31 17.30
CA SER A 199 -13.70 24.68 18.51
C SER A 199 -12.87 25.29 19.61
N GLY A 200 -13.18 25.00 20.86
CA GLY A 200 -12.42 25.63 21.91
C GLY A 200 -11.13 24.93 22.25
N ASN A 201 -10.68 25.10 23.49
CA ASN A 201 -9.47 24.44 23.97
C ASN A 201 -9.90 23.47 25.04
N ALA A 202 -9.02 22.58 25.44
CA ALA A 202 -9.34 21.61 26.47
C ALA A 202 -8.79 22.14 27.79
N ILE A 203 -9.16 21.48 28.88
CA ILE A 203 -8.67 21.84 30.20
C ILE A 203 -7.16 21.78 30.04
N ASN A 204 -6.75 20.81 29.21
CA ASN A 204 -5.39 20.47 28.83
C ASN A 204 -4.52 21.61 28.26
N GLY A 205 -5.15 22.65 27.70
CA GLY A 205 -4.38 23.71 27.11
C GLY A 205 -4.38 23.56 25.60
N ILE A 206 -4.30 22.32 25.12
CA ILE A 206 -4.30 22.07 23.68
C ILE A 206 -5.72 22.19 23.12
N LYS A 207 -5.85 22.22 21.80
CA LYS A 207 -7.17 22.34 21.22
C LYS A 207 -7.98 21.05 21.36
N THR A 208 -9.30 21.17 21.51
CA THR A 208 -10.15 20.00 21.64
C THR A 208 -10.29 19.21 20.34
N ARG A 209 -10.58 19.89 19.23
CA ARG A 209 -10.75 19.19 17.95
C ARG A 209 -9.61 19.28 16.95
N THR A 210 -9.80 18.64 15.80
CA THR A 210 -8.77 18.58 14.76
C THR A 210 -9.21 18.88 13.33
N ASN A 211 -8.35 19.58 12.60
CA ASN A 211 -8.63 19.95 11.22
C ASN A 211 -8.50 18.78 10.28
N ASN A 212 -7.79 17.75 10.75
CA ASN A 212 -7.56 16.56 9.97
C ASN A 212 -7.77 15.25 10.75
N SER A 213 -7.63 14.13 10.06
CA SER A 213 -7.83 12.85 10.73
C SER A 213 -7.49 11.70 9.81
N ILE A 214 -7.07 10.58 10.39
CA ILE A 214 -6.79 9.38 9.61
C ILE A 214 -7.36 8.13 10.29
N ALA A 215 -7.96 7.28 9.47
CA ALA A 215 -8.55 6.04 9.97
C ALA A 215 -8.12 5.01 8.95
N SER A 216 -7.22 4.12 9.36
CA SER A 216 -6.70 3.08 8.49
C SER A 216 -7.17 1.69 8.93
N SER A 217 -7.58 0.88 7.97
CA SER A 217 -8.09 -0.45 8.27
C SER A 217 -7.36 -1.58 7.57
N HIS A 218 -7.17 -2.69 8.29
CA HIS A 218 -6.52 -3.89 7.78
C HIS A 218 -7.45 -5.05 8.08
N ILE A 219 -7.87 -5.74 7.03
CA ILE A 219 -8.82 -6.83 7.17
C ILE A 219 -8.39 -8.18 6.61
N LEU A 220 -8.49 -9.19 7.47
CA LEU A 220 -8.18 -10.56 7.13
C LEU A 220 -9.52 -11.26 7.12
N ALA A 221 -9.97 -11.67 5.94
CA ALA A 221 -11.28 -12.30 5.79
C ALA A 221 -11.30 -13.74 5.22
N LEU A 222 -12.09 -14.59 5.87
CA LEU A 222 -12.26 -15.98 5.48
C LEU A 222 -13.66 -16.18 4.89
N ASN A 223 -13.73 -16.50 3.61
CA ASN A 223 -15.02 -16.66 2.96
C ASN A 223 -15.35 -18.07 2.52
N TYR A 224 -16.51 -18.54 2.98
CA TYR A 224 -17.01 -19.85 2.60
C TYR A 224 -18.18 -19.55 1.67
N ASP A 225 -18.88 -20.58 1.21
CA ASP A 225 -19.98 -20.36 0.29
C ASP A 225 -20.98 -19.31 0.79
N HIS A 226 -21.23 -19.24 2.09
CA HIS A 226 -22.17 -18.25 2.63
C HIS A 226 -21.63 -17.60 3.89
N TRP A 227 -21.01 -18.38 4.76
CA TRP A 227 -20.51 -17.79 5.98
C TRP A 227 -19.12 -17.25 5.81
N HIS A 228 -18.83 -16.18 6.54
CA HIS A 228 -17.50 -15.61 6.48
C HIS A 228 -17.14 -15.09 7.85
N TYR A 229 -15.83 -15.06 8.11
CA TYR A 229 -15.32 -14.55 9.37
C TYR A 229 -14.26 -13.54 9.00
N SER A 230 -14.20 -12.42 9.71
CA SER A 230 -13.23 -11.38 9.40
C SER A 230 -12.61 -10.73 10.61
N VAL A 231 -11.30 -10.58 10.60
CA VAL A 231 -10.67 -9.88 11.71
C VAL A 231 -10.27 -8.51 11.15
N VAL A 232 -10.53 -7.47 11.92
CA VAL A 232 -10.22 -6.12 11.48
C VAL A 232 -9.38 -5.31 12.46
N ALA A 233 -8.21 -4.89 12.02
CA ALA A 233 -7.32 -4.09 12.84
C ALA A 233 -7.48 -2.68 12.28
N ARG A 234 -7.80 -1.73 13.15
CA ARG A 234 -7.97 -0.38 12.68
C ARG A 234 -7.17 0.60 13.50
N TYR A 235 -6.55 1.55 12.80
CA TYR A 235 -5.73 2.55 13.43
C TYR A 235 -6.30 3.94 13.18
N TRP A 236 -6.32 4.76 14.22
CA TRP A 236 -6.83 6.13 14.10
C TRP A 236 -5.73 7.10 14.48
N HIS A 237 -5.78 8.26 13.84
CA HIS A 237 -4.91 9.38 14.15
C HIS A 237 -5.91 10.51 14.31
N ASP A 238 -6.12 10.88 15.57
CA ASP A 238 -7.10 11.90 15.90
C ASP A 238 -8.48 11.43 15.44
N GLY A 239 -8.83 10.19 15.82
CA GLY A 239 -10.10 9.63 15.44
C GLY A 239 -11.25 10.60 15.57
N GLY A 240 -12.13 10.62 14.57
CA GLY A 240 -13.28 11.52 14.59
C GLY A 240 -12.87 12.95 14.74
N GLN A 241 -11.64 13.25 14.36
CA GLN A 241 -11.16 14.61 14.49
C GLN A 241 -11.16 15.08 15.95
N TRP A 242 -10.86 14.19 16.87
CA TRP A 242 -10.76 14.58 18.26
C TRP A 242 -9.26 14.68 18.51
N ASN A 243 -8.83 15.82 18.99
CA ASN A 243 -7.41 16.01 19.24
C ASN A 243 -6.91 15.11 20.33
N ASP A 244 -6.11 14.12 19.93
CA ASP A 244 -5.55 13.17 20.87
C ASP A 244 -4.94 13.82 22.12
N ASP A 245 -5.34 13.31 23.27
CA ASP A 245 -4.88 13.76 24.58
C ASP A 245 -5.59 14.98 25.14
N ALA A 246 -6.53 15.54 24.40
CA ALA A 246 -7.24 16.71 24.90
C ALA A 246 -7.89 16.31 26.21
N GLU A 247 -7.77 17.18 27.23
CA GLU A 247 -8.36 16.90 28.53
C GLU A 247 -9.74 17.54 28.63
N LEU A 248 -10.73 16.68 28.87
CA LEU A 248 -12.11 17.12 29.00
C LEU A 248 -12.75 16.65 30.32
N ASN A 249 -13.97 17.12 30.57
CA ASN A 249 -14.73 16.74 31.76
C ASN A 249 -16.22 16.84 31.41
N PHE A 250 -16.84 15.69 31.20
CA PHE A 250 -18.26 15.63 30.83
C PHE A 250 -19.17 15.55 32.05
N GLY A 251 -18.61 15.78 33.23
CA GLY A 251 -19.42 15.70 34.44
C GLY A 251 -19.18 14.42 35.23
N ASN A 252 -17.97 13.89 35.19
CA ASN A 252 -17.63 12.68 35.93
C ASN A 252 -16.18 12.75 36.30
N GLY A 253 -15.57 13.89 36.00
CA GLY A 253 -14.17 14.08 36.30
C GLY A 253 -13.39 14.28 35.02
N ASN A 254 -12.16 14.76 35.16
CA ASN A 254 -11.33 14.99 34.01
C ASN A 254 -10.88 13.67 33.41
N PHE A 255 -10.77 13.65 32.10
CA PHE A 255 -10.32 12.47 31.40
C PHE A 255 -9.60 12.94 30.14
N ASN A 256 -8.70 12.11 29.62
CA ASN A 256 -7.98 12.47 28.41
C ASN A 256 -8.47 11.69 27.22
N VAL A 257 -8.55 12.35 26.09
CA VAL A 257 -8.99 11.73 24.86
C VAL A 257 -7.88 10.85 24.30
N ARG A 258 -8.24 9.65 23.88
CA ARG A 258 -7.26 8.74 23.31
C ARG A 258 -7.68 8.46 21.86
N SER A 259 -7.66 9.52 21.05
CA SER A 259 -8.09 9.40 19.66
C SER A 259 -7.07 8.78 18.71
N THR A 260 -5.85 8.59 19.17
CA THR A 260 -4.84 7.98 18.32
C THR A 260 -4.49 6.61 18.85
N GLY A 261 -4.53 5.61 17.98
CA GLY A 261 -4.21 4.25 18.39
C GLY A 261 -4.97 3.16 17.66
N TRP A 262 -4.80 1.93 18.12
CA TRP A 262 -5.46 0.77 17.54
C TRP A 262 -6.73 0.31 18.21
N GLY A 263 -7.58 -0.33 17.40
CA GLY A 263 -8.82 -0.89 17.87
C GLY A 263 -9.10 -2.04 16.91
N GLY A 264 -10.12 -2.83 17.18
CA GLY A 264 -10.36 -3.94 16.29
C GLY A 264 -11.79 -4.39 16.20
N TYR A 265 -12.05 -5.27 15.25
CA TYR A 265 -13.39 -5.80 15.07
C TYR A 265 -13.36 -7.27 14.72
N LEU A 266 -14.37 -8.00 15.18
CA LEU A 266 -14.53 -9.41 14.84
C LEU A 266 -15.86 -9.41 14.09
N VAL A 267 -15.89 -10.04 12.93
CA VAL A 267 -17.11 -10.03 12.13
C VAL A 267 -17.52 -11.39 11.59
N VAL A 268 -18.73 -11.81 11.97
CA VAL A 268 -19.25 -13.08 11.49
C VAL A 268 -20.56 -12.76 10.79
N GLY A 269 -20.68 -13.18 9.53
CA GLY A 269 -21.89 -12.91 8.82
C GLY A 269 -22.26 -13.98 7.82
N TYR A 270 -23.33 -13.71 7.08
CA TYR A 270 -23.82 -14.67 6.09
C TYR A 270 -24.18 -13.96 4.78
N ASN A 271 -23.57 -14.38 3.68
CA ASN A 271 -23.87 -13.79 2.37
C ASN A 271 -24.97 -14.55 1.67
N PHE A 272 -26.03 -13.85 1.29
CA PHE A 272 -27.14 -14.49 0.61
C PHE A 272 -26.91 -14.61 -0.88
N HIS A 273 -27.44 -15.68 -1.48
CA HIS A 273 -27.37 -15.91 -2.92
C HIS A 273 -27.89 -17.27 -3.34
N HIS A 274 -28.82 -17.25 -4.30
CA HIS A 274 -29.41 -18.48 -4.81
C HIS A 274 -28.36 -19.26 -5.59
N HIS A 275 -28.56 -20.57 -5.70
CA HIS A 275 -27.61 -21.43 -6.39
C HIS A 275 -27.74 -21.24 -7.91
N LEU B 9 31.50 8.72 10.33
CA LEU B 9 30.40 9.13 11.26
C LEU B 9 29.24 8.15 11.18
N SER B 10 28.58 7.92 12.32
CA SER B 10 27.45 7.01 12.38
C SER B 10 26.13 7.79 12.36
N ASP B 11 26.21 9.08 12.07
CA ASP B 11 25.03 9.94 12.02
C ASP B 11 24.44 9.99 10.61
N TRP B 12 24.93 9.12 9.73
CA TRP B 12 24.44 9.08 8.36
C TRP B 12 24.84 7.83 7.57
N TRP B 13 26.09 7.39 7.72
CA TRP B 13 26.54 6.20 6.98
C TRP B 13 26.50 4.92 7.82
N HIS B 14 25.65 3.99 7.40
CA HIS B 14 25.51 2.72 8.10
C HIS B 14 25.94 1.56 7.22
N GLN B 15 26.68 0.62 7.79
CA GLN B 15 27.15 -0.54 7.04
C GLN B 15 26.71 -1.83 7.68
N SER B 16 26.69 -2.90 6.89
CA SER B 16 26.28 -4.20 7.36
C SER B 16 26.76 -5.30 6.42
N VAL B 17 27.16 -6.42 7.01
CA VAL B 17 27.61 -7.58 6.25
C VAL B 17 26.59 -8.64 6.58
N ASN B 18 26.08 -9.33 5.57
CA ASN B 18 25.06 -10.35 5.81
C ASN B 18 25.29 -11.64 5.07
N VAL B 19 24.60 -12.68 5.54
CA VAL B 19 24.64 -14.00 4.93
C VAL B 19 23.21 -14.18 4.46
N VAL B 20 23.01 -14.47 3.18
CA VAL B 20 21.67 -14.62 2.66
C VAL B 20 21.35 -16.01 2.12
N GLY B 21 20.11 -16.44 2.35
CA GLY B 21 19.65 -17.71 1.85
C GLY B 21 18.40 -17.43 1.06
N SER B 22 18.42 -17.71 -0.25
CA SER B 22 17.25 -17.47 -1.09
C SER B 22 16.58 -18.78 -1.47
N TYR B 23 15.27 -18.71 -1.71
CA TYR B 23 14.48 -19.88 -2.07
C TYR B 23 13.43 -19.57 -3.13
N HIS B 24 13.57 -20.19 -4.30
CA HIS B 24 12.61 -19.99 -5.38
C HIS B 24 12.62 -18.61 -6.02
N THR B 25 13.83 -18.10 -6.25
CA THR B 25 14.08 -16.80 -6.87
C THR B 25 13.53 -16.83 -8.29
N ARG B 26 13.12 -15.68 -8.83
CA ARG B 26 12.57 -15.68 -10.19
C ARG B 26 13.04 -14.61 -11.17
N PHE B 27 14.28 -14.12 -11.02
CA PHE B 27 14.82 -13.12 -11.95
C PHE B 27 15.30 -13.76 -13.27
N GLY B 28 15.57 -15.07 -13.23
CA GLY B 28 16.06 -15.74 -14.43
C GLY B 28 15.09 -16.74 -15.04
N PRO B 29 15.50 -17.45 -16.11
CA PRO B 29 14.70 -18.45 -16.84
C PRO B 29 14.34 -19.66 -16.00
N GLN B 30 15.25 -20.07 -15.13
CA GLN B 30 15.02 -21.23 -14.27
C GLN B 30 15.03 -20.79 -12.81
N ILE B 31 14.17 -21.41 -12.02
CA ILE B 31 14.08 -21.09 -10.60
C ILE B 31 15.40 -21.29 -9.91
N ARG B 32 15.64 -20.54 -8.85
CA ARG B 32 16.90 -20.65 -8.14
C ARG B 32 16.80 -20.58 -6.63
N ASN B 33 17.79 -21.18 -5.99
CA ASN B 33 17.91 -21.21 -4.54
C ASN B 33 19.40 -21.00 -4.31
N ASP B 34 19.77 -19.95 -3.59
CA ASP B 34 21.18 -19.67 -3.37
C ASP B 34 21.46 -19.22 -1.95
N THR B 35 22.75 -19.08 -1.66
CA THR B 35 23.21 -18.61 -0.36
C THR B 35 24.41 -17.75 -0.74
N TYR B 36 24.62 -16.64 -0.03
CA TYR B 36 25.73 -15.78 -0.36
C TYR B 36 25.99 -14.67 0.64
N LEU B 37 27.11 -14.00 0.48
CA LEU B 37 27.47 -12.91 1.37
C LEU B 37 26.98 -11.63 0.72
N GLU B 38 26.68 -10.65 1.57
CA GLU B 38 26.16 -9.38 1.09
C GLU B 38 26.60 -8.21 1.95
N TYR B 39 26.95 -7.12 1.27
CA TYR B 39 27.37 -5.90 1.93
C TYR B 39 26.31 -4.83 1.70
N GLU B 40 25.85 -4.23 2.79
CA GLU B 40 24.83 -3.18 2.71
C GLU B 40 25.35 -1.83 3.19
N ALA B 41 24.73 -0.77 2.69
CA ALA B 41 25.10 0.58 3.06
C ALA B 41 23.92 1.52 2.88
N PHE B 42 23.53 2.19 3.95
CA PHE B 42 22.42 3.14 3.94
C PHE B 42 22.95 4.49 4.42
N ALA B 43 22.77 5.53 3.60
CA ALA B 43 23.24 6.87 3.97
C ALA B 43 22.15 7.91 3.83
N LYS B 44 22.28 8.99 4.61
CA LYS B 44 21.31 10.08 4.60
C LYS B 44 21.96 11.37 5.08
N LYS B 45 22.43 12.19 4.13
CA LYS B 45 23.09 13.45 4.45
C LYS B 45 22.27 14.59 3.83
N ASP B 46 22.03 15.64 4.62
CA ASP B 46 21.23 16.79 4.22
C ASP B 46 20.75 16.93 2.77
N TRP B 47 21.64 16.75 1.78
CA TRP B 47 21.20 16.89 0.39
C TRP B 47 21.08 15.59 -0.40
N PHE B 48 21.50 14.47 0.19
CA PHE B 48 21.41 13.21 -0.52
C PHE B 48 21.23 11.99 0.38
N ASP B 49 20.44 11.02 -0.07
CA ASP B 49 20.25 9.79 0.67
C ASP B 49 20.75 8.69 -0.24
N PHE B 50 21.09 7.54 0.34
CA PHE B 50 21.62 6.46 -0.47
C PHE B 50 21.42 5.08 0.12
N TYR B 51 21.20 4.12 -0.77
CA TYR B 51 21.06 2.72 -0.39
C TYR B 51 21.73 1.90 -1.47
N GLY B 52 22.36 0.82 -1.07
CA GLY B 52 23.03 -0.03 -2.02
C GLY B 52 23.41 -1.32 -1.34
N TYR B 53 23.63 -2.35 -2.13
CA TYR B 53 24.01 -3.64 -1.58
C TYR B 53 24.79 -4.41 -2.64
N ALA B 54 25.67 -5.29 -2.18
CA ALA B 54 26.46 -6.10 -3.08
C ALA B 54 26.43 -7.55 -2.63
N ASP B 55 26.24 -8.47 -3.58
CA ASP B 55 26.19 -9.90 -3.27
C ASP B 55 27.36 -10.64 -3.91
N ALA B 56 27.91 -11.58 -3.16
CA ALA B 56 29.02 -12.39 -3.65
C ALA B 56 28.79 -13.83 -3.17
N PRO B 57 29.17 -14.81 -3.99
CA PRO B 57 29.00 -16.24 -3.67
C PRO B 57 29.65 -16.59 -2.33
N VAL B 58 29.19 -17.66 -1.68
CA VAL B 58 29.76 -18.05 -0.39
C VAL B 58 31.23 -18.46 -0.50
N PRO B 75 33.13 -12.07 -9.44
CA PRO B 75 31.81 -12.70 -9.26
C PRO B 75 30.93 -12.01 -8.22
N LEU B 76 30.39 -10.86 -8.59
CA LEU B 76 29.53 -10.11 -7.68
C LEU B 76 28.31 -9.50 -8.37
N PHE B 77 27.49 -8.84 -7.56
CA PHE B 77 26.28 -8.17 -8.02
C PHE B 77 26.02 -7.01 -7.06
N MET B 78 25.91 -5.80 -7.60
CA MET B 78 25.63 -4.65 -6.74
C MET B 78 24.54 -3.76 -7.32
N GLU B 79 23.78 -3.15 -6.42
CA GLU B 79 22.70 -2.25 -6.79
C GLU B 79 22.80 -1.05 -5.87
N ILE B 80 22.84 0.14 -6.45
CA ILE B 80 22.94 1.35 -5.66
C ILE B 80 21.81 2.32 -5.99
N GLU B 81 21.29 2.96 -4.96
CA GLU B 81 20.19 3.89 -5.09
C GLU B 81 20.55 5.26 -4.52
N PRO B 82 21.28 6.08 -5.27
CA PRO B 82 21.64 7.40 -4.76
C PRO B 82 20.61 8.44 -5.22
N ARG B 83 20.20 9.31 -4.30
CA ARG B 83 19.23 10.36 -4.62
C ARG B 83 19.73 11.71 -4.16
N PHE B 84 19.49 12.72 -4.98
CA PHE B 84 19.91 14.07 -4.67
C PHE B 84 18.72 15.00 -4.51
N SER B 85 18.67 15.68 -3.37
CA SER B 85 17.58 16.59 -3.05
C SER B 85 17.54 17.83 -3.92
N ILE B 86 16.53 17.93 -4.77
CA ILE B 86 16.40 19.10 -5.62
C ILE B 86 16.15 20.30 -4.72
N ASP B 87 15.41 20.09 -3.65
CA ASP B 87 15.11 21.16 -2.71
C ASP B 87 16.41 21.73 -2.14
N LYS B 88 17.14 20.92 -1.40
CA LYS B 88 18.40 21.35 -0.79
C LYS B 88 19.34 22.02 -1.80
N LEU B 89 19.46 21.44 -2.98
CA LEU B 89 20.35 21.99 -4.01
C LEU B 89 19.79 23.26 -4.65
N THR B 90 18.54 23.23 -5.11
CA THR B 90 17.93 24.41 -5.72
C THR B 90 17.69 25.45 -4.64
N ASN B 91 17.78 25.00 -3.39
CA ASN B 91 17.55 25.87 -2.24
C ASN B 91 16.21 26.58 -2.40
N THR B 92 15.19 25.81 -2.76
CA THR B 92 13.84 26.32 -2.97
C THR B 92 12.85 25.29 -2.43
N ASP B 93 12.03 25.69 -1.46
CA ASP B 93 11.05 24.78 -0.89
C ASP B 93 10.04 24.36 -1.96
N LEU B 94 10.28 23.21 -2.55
CA LEU B 94 9.39 22.68 -3.59
C LEU B 94 8.30 21.83 -2.96
N SER B 95 8.30 21.80 -1.62
CA SER B 95 7.31 21.04 -0.87
C SER B 95 5.90 21.40 -1.33
N PHE B 96 5.05 20.39 -1.48
CA PHE B 96 3.69 20.60 -1.93
C PHE B 96 2.78 19.41 -1.61
N GLY B 97 1.71 19.67 -0.86
CA GLY B 97 0.79 18.61 -0.49
C GLY B 97 1.49 17.58 0.37
N PRO B 98 1.22 16.29 0.16
CA PRO B 98 1.85 15.22 0.94
C PRO B 98 3.33 15.09 0.59
N PHE B 99 3.71 15.71 -0.52
CA PHE B 99 5.09 15.67 -1.01
C PHE B 99 6.04 16.57 -0.23
N LYS B 100 6.75 15.96 0.70
CA LYS B 100 7.71 16.66 1.56
C LYS B 100 8.93 17.17 0.82
N GLU B 101 9.50 16.34 -0.05
CA GLU B 101 10.70 16.71 -0.78
C GLU B 101 10.70 16.11 -2.18
N TRP B 102 11.60 16.63 -3.03
CA TRP B 102 11.75 16.14 -4.39
C TRP B 102 13.21 15.77 -4.64
N TYR B 103 13.43 14.71 -5.40
CA TYR B 103 14.78 14.25 -5.68
C TYR B 103 15.10 13.89 -7.12
N PHE B 104 16.40 13.90 -7.42
CA PHE B 104 16.94 13.48 -8.70
C PHE B 104 17.28 12.06 -8.26
N ALA B 105 16.49 11.09 -8.69
CA ALA B 105 16.70 9.72 -8.27
C ALA B 105 17.45 8.82 -9.25
N ASN B 106 18.27 7.94 -8.68
CA ASN B 106 19.06 7.02 -9.48
C ASN B 106 19.10 5.61 -8.90
N ASN B 107 18.84 4.63 -9.76
CA ASN B 107 18.85 3.23 -9.39
C ASN B 107 19.78 2.57 -10.41
N TYR B 108 20.99 2.24 -9.97
CA TYR B 108 21.98 1.61 -10.84
C TYR B 108 22.28 0.16 -10.45
N ILE B 109 22.10 -0.75 -11.40
CA ILE B 109 22.33 -2.17 -11.17
C ILE B 109 23.51 -2.70 -11.99
N TYR B 110 24.40 -3.40 -11.31
CA TYR B 110 25.57 -3.98 -11.95
C TYR B 110 25.74 -5.44 -11.55
N ASP B 111 25.95 -6.29 -12.55
CA ASP B 111 26.14 -7.72 -12.31
C ASP B 111 27.40 -8.19 -13.05
N MET B 112 28.42 -8.55 -12.28
CA MET B 112 29.68 -9.01 -12.86
C MET B 112 29.91 -10.48 -12.54
N GLY B 113 29.11 -10.99 -11.61
CA GLY B 113 29.21 -12.37 -11.18
C GLY B 113 29.22 -13.44 -12.27
N ARG B 114 28.67 -14.60 -11.93
CA ARG B 114 28.63 -15.73 -12.84
C ARG B 114 27.26 -15.94 -13.51
N ASN B 115 27.00 -15.21 -14.59
CA ASN B 115 25.75 -15.38 -15.30
C ASN B 115 25.97 -15.97 -16.68
N LYS B 116 25.23 -17.04 -16.97
CA LYS B 116 25.30 -17.78 -18.22
C LYS B 116 26.09 -17.10 -19.33
N ASP B 117 25.56 -16.02 -19.88
CA ASP B 117 26.22 -15.33 -20.98
C ASP B 117 26.45 -13.82 -20.83
N GLY B 118 27.52 -13.46 -20.13
CA GLY B 118 27.82 -12.05 -19.95
C GLY B 118 27.49 -11.45 -18.60
N ARG B 119 27.45 -10.12 -18.55
CA ARG B 119 27.15 -9.38 -17.33
C ARG B 119 26.03 -8.38 -17.57
N GLN B 120 25.59 -7.72 -16.50
CA GLN B 120 24.52 -6.74 -16.61
C GLN B 120 24.92 -5.38 -16.04
N SER B 121 24.59 -4.33 -16.77
CA SER B 121 24.87 -2.96 -16.36
C SER B 121 23.65 -2.11 -16.70
N THR B 122 22.80 -1.88 -15.70
CA THR B 122 21.58 -1.11 -15.92
C THR B 122 21.52 0.18 -15.12
N TRP B 123 21.17 1.28 -15.79
CA TRP B 123 21.09 2.56 -15.11
C TRP B 123 19.74 3.26 -15.22
N TYR B 124 19.03 3.32 -14.09
CA TYR B 124 17.72 3.97 -14.01
C TYR B 124 17.92 5.36 -13.41
N MET B 125 17.45 6.38 -14.11
CA MET B 125 17.58 7.74 -13.62
C MET B 125 16.26 8.49 -13.77
N GLY B 126 15.97 9.38 -12.83
CA GLY B 126 14.74 10.13 -12.90
C GLY B 126 14.39 10.97 -11.68
N LEU B 127 13.08 11.24 -11.54
CA LEU B 127 12.56 12.04 -10.45
C LEU B 127 11.97 11.23 -9.28
N GLY B 128 12.40 11.53 -8.06
CA GLY B 128 11.92 10.81 -6.89
C GLY B 128 11.26 11.72 -5.87
N THR B 129 10.73 11.16 -4.77
CA THR B 129 10.06 11.99 -3.76
C THR B 129 9.77 11.27 -2.45
N ASP B 130 9.58 12.05 -1.40
CA ASP B 130 9.23 11.51 -0.09
C ASP B 130 7.80 11.97 0.21
N ILE B 131 6.94 11.03 0.63
CA ILE B 131 5.56 11.38 0.95
C ILE B 131 5.29 11.40 2.45
N ASP B 132 4.58 12.43 2.88
CA ASP B 132 4.22 12.58 4.27
C ASP B 132 2.78 12.10 4.44
N THR B 133 2.63 10.89 4.93
CA THR B 133 1.32 10.28 5.10
C THR B 133 0.62 10.66 6.39
N GLY B 134 1.30 11.36 7.28
CA GLY B 134 0.66 11.71 8.52
C GLY B 134 0.52 10.49 9.40
N LEU B 135 1.16 9.41 8.97
CA LEU B 135 1.16 8.15 9.69
C LEU B 135 2.60 7.89 10.16
N PRO B 136 2.80 6.93 11.09
CA PRO B 136 4.13 6.58 11.61
C PRO B 136 4.86 5.65 10.64
N MET B 137 5.16 6.15 9.45
CA MET B 137 5.84 5.36 8.45
C MET B 137 6.56 6.29 7.49
N SER B 138 7.36 5.70 6.58
CA SER B 138 8.06 6.49 5.59
C SER B 138 7.55 5.97 4.27
N LEU B 139 7.41 6.85 3.29
CA LEU B 139 6.90 6.45 2.00
C LEU B 139 7.63 7.23 0.90
N SER B 140 8.18 6.49 -0.06
CA SER B 140 8.93 7.09 -1.16
C SER B 140 8.46 6.56 -2.51
N MET B 141 8.45 7.43 -3.51
CA MET B 141 8.05 7.07 -4.86
C MET B 141 9.06 7.65 -5.86
N ASN B 142 9.43 6.85 -6.85
CA ASN B 142 10.40 7.26 -7.85
C ASN B 142 9.98 6.79 -9.22
N VAL B 143 10.32 7.55 -10.24
CA VAL B 143 10.04 7.16 -11.63
C VAL B 143 11.33 7.39 -12.38
N TYR B 144 11.74 6.40 -13.16
CA TYR B 144 12.97 6.54 -13.89
C TYR B 144 12.82 6.18 -15.35
N ALA B 145 13.87 6.52 -16.10
CA ALA B 145 14.00 6.19 -17.50
C ALA B 145 15.32 5.44 -17.38
N LYS B 146 15.63 4.56 -18.32
CA LYS B 146 16.88 3.85 -18.19
C LYS B 146 17.66 3.61 -19.48
N TYR B 147 18.98 3.53 -19.33
CA TYR B 147 19.84 3.21 -20.45
C TYR B 147 20.36 1.82 -20.11
N GLN B 148 20.31 0.93 -21.08
CA GLN B 148 20.76 -0.43 -20.88
C GLN B 148 22.11 -0.66 -21.56
N TRP B 149 23.05 -1.24 -20.83
CA TRP B 149 24.35 -1.56 -21.39
C TRP B 149 24.34 -3.07 -21.60
N GLN B 150 25.12 -3.79 -20.80
CA GLN B 150 25.13 -5.24 -20.93
C GLN B 150 23.92 -5.82 -20.23
N ASN B 151 23.31 -6.81 -20.87
CA ASN B 151 22.13 -7.44 -20.31
C ASN B 151 22.16 -8.92 -20.68
N TYR B 152 23.20 -9.61 -20.21
CA TYR B 152 23.37 -11.03 -20.47
C TYR B 152 23.17 -11.35 -21.95
N GLY B 153 23.59 -10.42 -22.81
CA GLY B 153 23.46 -10.63 -24.24
C GLY B 153 22.06 -10.50 -24.81
N ALA B 154 21.15 -9.86 -24.07
CA ALA B 154 19.78 -9.69 -24.52
C ALA B 154 19.66 -8.72 -25.68
N ALA B 155 18.51 -8.75 -26.36
CA ALA B 155 18.25 -7.89 -27.51
C ALA B 155 18.09 -6.41 -27.19
N ASN B 156 18.07 -6.07 -25.90
CA ASN B 156 17.90 -4.68 -25.50
C ASN B 156 19.17 -4.05 -24.95
N GLU B 157 20.33 -4.62 -25.29
CA GLU B 157 21.58 -4.07 -24.81
C GLU B 157 21.92 -2.78 -25.53
N ASN B 158 22.66 -1.91 -24.84
CA ASN B 158 23.09 -0.61 -25.38
C ASN B 158 22.02 0.18 -26.12
N GLU B 159 21.13 0.81 -25.36
CA GLU B 159 20.04 1.62 -25.89
C GLU B 159 19.20 2.11 -24.73
N TRP B 160 18.32 3.06 -24.99
CA TRP B 160 17.42 3.55 -23.95
C TRP B 160 16.24 2.60 -24.04
N ASP B 161 15.96 1.91 -22.94
CA ASP B 161 14.88 0.94 -22.93
C ASP B 161 14.05 0.89 -21.64
N GLY B 162 12.75 1.09 -21.79
CA GLY B 162 11.82 1.04 -20.66
C GLY B 162 11.93 2.04 -19.52
N TYR B 163 10.95 1.96 -18.62
CA TYR B 163 10.87 2.80 -17.45
C TYR B 163 10.59 1.98 -16.19
N ARG B 164 10.77 2.61 -15.04
CA ARG B 164 10.54 1.95 -13.78
C ARG B 164 9.96 2.86 -12.71
N PHE B 165 8.90 2.37 -12.06
CA PHE B 165 8.27 3.10 -10.98
C PHE B 165 8.61 2.31 -9.72
N LYS B 166 9.29 2.94 -8.77
CA LYS B 166 9.67 2.26 -7.55
C LYS B 166 8.95 2.90 -6.35
N ILE B 167 8.28 2.08 -5.56
CA ILE B 167 7.60 2.58 -4.38
C ILE B 167 8.05 1.76 -3.18
N LYS B 168 8.60 2.43 -2.18
CA LYS B 168 9.05 1.72 -0.99
C LYS B 168 8.56 2.42 0.25
N TYR B 169 8.32 1.64 1.30
CA TYR B 169 7.84 2.20 2.55
C TYR B 169 8.38 1.47 3.76
N PHE B 170 8.68 2.23 4.80
CA PHE B 170 9.23 1.68 6.03
C PHE B 170 8.20 1.89 7.13
N VAL B 171 8.00 0.86 7.94
CA VAL B 171 7.02 0.96 9.00
C VAL B 171 7.45 0.32 10.30
N PRO B 172 7.84 1.14 11.28
CA PRO B 172 8.27 0.63 12.59
C PRO B 172 7.07 -0.07 13.24
N ILE B 173 7.26 -1.29 13.71
CA ILE B 173 6.15 -2.02 14.34
C ILE B 173 6.20 -1.95 15.86
N THR B 174 7.04 -2.77 16.49
CA THR B 174 7.17 -2.75 17.95
C THR B 174 8.52 -3.27 18.41
N ASP B 175 8.58 -3.62 19.69
CA ASP B 175 9.76 -4.20 20.28
C ASP B 175 9.38 -5.64 20.55
N LEU B 176 10.19 -6.55 20.04
CA LEU B 176 9.92 -7.97 20.19
C LEU B 176 11.22 -8.72 20.52
N TRP B 177 11.16 -9.58 21.52
CA TRP B 177 12.31 -10.36 21.95
C TRP B 177 13.58 -9.55 22.23
N GLY B 178 13.42 -8.36 22.79
CA GLY B 178 14.57 -7.53 23.09
C GLY B 178 15.08 -6.71 21.92
N GLY B 179 14.49 -6.92 20.75
CA GLY B 179 14.90 -6.16 19.58
C GLY B 179 13.77 -5.31 19.06
N GLN B 180 14.00 -4.66 17.93
CA GLN B 180 12.99 -3.81 17.31
C GLN B 180 12.48 -4.37 15.99
N LEU B 181 11.26 -4.90 16.02
CA LEU B 181 10.64 -5.46 14.84
C LEU B 181 10.06 -4.37 13.96
N SER B 182 10.31 -4.47 12.66
CA SER B 182 9.79 -3.48 11.73
C SER B 182 9.41 -4.13 10.41
N TYR B 183 8.70 -3.38 9.56
CA TYR B 183 8.26 -3.88 8.27
C TYR B 183 8.74 -2.98 7.15
N ILE B 184 9.23 -3.61 6.08
CA ILE B 184 9.70 -2.87 4.94
C ILE B 184 9.06 -3.45 3.72
N GLY B 185 8.71 -2.60 2.78
CA GLY B 185 8.07 -3.06 1.56
C GLY B 185 8.37 -2.16 0.40
N PHE B 186 8.76 -2.74 -0.74
CA PHE B 186 9.06 -1.97 -1.94
C PHE B 186 8.67 -2.76 -3.19
N THR B 187 8.38 -2.04 -4.26
CA THR B 187 7.97 -2.69 -5.49
C THR B 187 8.53 -1.97 -6.69
N ASN B 188 9.04 -2.76 -7.64
CA ASN B 188 9.59 -2.21 -8.86
C ASN B 188 8.70 -2.56 -10.03
N PHE B 189 7.99 -1.57 -10.53
CA PHE B 189 7.12 -1.80 -11.68
C PHE B 189 7.90 -1.34 -12.89
N ASP B 190 8.23 -2.28 -13.77
CA ASP B 190 8.98 -1.97 -14.98
C ASP B 190 8.09 -2.20 -16.17
N TRP B 191 8.15 -1.30 -17.14
CA TRP B 191 7.33 -1.44 -18.32
C TRP B 191 7.91 -0.61 -19.45
N GLY B 192 7.37 -0.79 -20.65
CA GLY B 192 7.83 -0.03 -21.79
C GLY B 192 9.10 -0.49 -22.49
N SER B 193 9.74 -1.53 -21.97
CA SER B 193 10.95 -2.04 -22.60
C SER B 193 10.54 -2.60 -23.96
N ASP B 194 11.51 -2.88 -24.82
CA ASP B 194 11.22 -3.41 -26.15
C ASP B 194 11.56 -4.90 -26.31
N LEU B 195 12.11 -5.52 -25.27
CA LEU B 195 12.40 -6.96 -25.33
C LEU B 195 11.06 -7.64 -25.57
N GLY B 196 11.04 -8.95 -25.64
CA GLY B 196 9.76 -9.59 -25.87
C GLY B 196 9.39 -9.33 -27.31
N ASP B 197 9.26 -8.05 -27.66
CA ASP B 197 8.95 -7.70 -29.04
C ASP B 197 10.15 -8.19 -29.86
N ASP B 198 11.33 -7.75 -29.43
CA ASP B 198 12.59 -8.07 -30.11
C ASP B 198 13.30 -9.37 -29.76
N SER B 199 12.59 -10.29 -29.14
CA SER B 199 13.20 -11.58 -28.81
C SER B 199 12.38 -12.59 -29.59
N GLY B 200 12.81 -13.83 -29.61
CA GLY B 200 12.07 -14.83 -30.38
C GLY B 200 10.87 -15.40 -29.65
N ASN B 201 10.38 -16.52 -30.13
CA ASN B 201 9.25 -17.18 -29.50
C ASN B 201 9.78 -18.43 -28.80
N ALA B 202 8.93 -19.05 -27.99
CA ALA B 202 9.32 -20.24 -27.27
C ALA B 202 8.77 -21.44 -28.01
N ILE B 203 9.23 -22.63 -27.61
CA ILE B 203 8.77 -23.87 -28.20
C ILE B 203 7.25 -23.78 -28.05
N ASN B 204 6.90 -23.19 -26.90
CA ASN B 204 5.55 -22.94 -26.42
C ASN B 204 4.60 -22.23 -27.38
N GLY B 205 5.14 -21.39 -28.25
CA GLY B 205 4.31 -20.64 -29.17
C GLY B 205 4.29 -19.19 -28.71
N ILE B 206 4.22 -18.99 -27.41
CA ILE B 206 4.19 -17.64 -26.83
C ILE B 206 5.59 -17.03 -26.94
N LYS B 207 5.71 -15.75 -26.65
CA LYS B 207 7.01 -15.10 -26.72
C LYS B 207 7.88 -15.46 -25.53
N THR B 208 9.19 -15.43 -25.72
CA THR B 208 10.13 -15.79 -24.65
C THR B 208 10.31 -14.69 -23.61
N ARG B 209 10.41 -13.45 -24.06
CA ARG B 209 10.62 -12.37 -23.12
C ARG B 209 9.44 -11.42 -22.93
N THR B 210 9.61 -10.45 -22.04
CA THR B 210 8.53 -9.52 -21.71
C THR B 210 8.93 -8.06 -21.72
N ASN B 211 8.00 -7.21 -22.17
CA ASN B 211 8.19 -5.76 -22.24
C ASN B 211 8.13 -5.09 -20.86
N ASN B 212 7.49 -5.77 -19.92
CA ASN B 212 7.31 -5.27 -18.57
C ASN B 212 7.67 -6.32 -17.53
N SER B 213 7.59 -5.94 -16.25
CA SER B 213 7.92 -6.88 -15.18
C SER B 213 7.70 -6.27 -13.79
N ILE B 214 7.29 -7.10 -12.84
CA ILE B 214 7.08 -6.61 -11.48
C ILE B 214 7.80 -7.47 -10.46
N ALA B 215 8.40 -6.81 -9.48
CA ALA B 215 9.09 -7.51 -8.41
C ALA B 215 8.73 -6.79 -7.13
N SER B 216 7.87 -7.41 -6.34
CA SER B 216 7.41 -6.82 -5.10
C SER B 216 8.03 -7.53 -3.90
N SER B 217 8.40 -6.76 -2.89
CA SER B 217 9.03 -7.33 -1.71
C SER B 217 8.37 -6.94 -0.38
N HIS B 218 8.34 -7.89 0.54
CA HIS B 218 7.77 -7.69 1.87
C HIS B 218 8.77 -8.21 2.88
N ILE B 219 9.25 -7.29 3.71
CA ILE B 219 10.27 -7.64 4.70
C ILE B 219 9.89 -7.42 6.15
N LEU B 220 10.17 -8.43 6.95
CA LEU B 220 9.92 -8.40 8.38
C LEU B 220 11.33 -8.45 8.99
N ALA B 221 11.75 -7.36 9.61
CA ALA B 221 13.09 -7.30 10.18
C ALA B 221 13.16 -7.13 11.70
N LEU B 222 14.08 -7.84 12.33
CA LEU B 222 14.30 -7.76 13.78
C LEU B 222 15.67 -7.16 14.01
N ASN B 223 15.72 -5.95 14.57
CA ASN B 223 16.99 -5.29 14.79
C ASN B 223 17.43 -5.13 16.23
N TYR B 224 18.61 -5.66 16.51
CA TYR B 224 19.22 -5.55 17.83
C TYR B 224 20.33 -4.54 17.66
N ASP B 225 21.09 -4.28 18.72
CA ASP B 225 22.16 -3.30 18.66
C ASP B 225 23.10 -3.47 17.45
N HIS B 226 23.39 -4.71 17.08
CA HIS B 226 24.27 -4.97 15.96
C HIS B 226 23.76 -6.07 15.04
N TRP B 227 23.24 -7.13 15.64
CA TRP B 227 22.71 -8.24 14.85
C TRP B 227 21.26 -8.02 14.48
N HIS B 228 20.90 -8.52 13.30
CA HIS B 228 19.52 -8.41 12.82
C HIS B 228 19.17 -9.62 11.99
N TYR B 229 17.90 -9.96 11.99
CA TYR B 229 17.41 -11.09 11.24
C TYR B 229 16.27 -10.57 10.40
N SER B 230 16.20 -11.01 9.15
CA SER B 230 15.15 -10.53 8.25
C SER B 230 14.53 -11.64 7.42
N VAL B 231 13.20 -11.69 7.37
CA VAL B 231 12.52 -12.66 6.55
C VAL B 231 11.97 -11.85 5.39
N VAL B 232 12.16 -12.34 4.17
CA VAL B 232 11.69 -11.63 3.01
C VAL B 232 10.80 -12.46 2.11
N ALA B 233 9.64 -11.91 1.80
CA ALA B 233 8.69 -12.58 0.92
C ALA B 233 8.72 -11.74 -0.36
N ARG B 234 9.01 -12.39 -1.48
CA ARG B 234 9.08 -11.65 -2.73
C ARG B 234 8.24 -12.30 -3.80
N TYR B 235 7.53 -11.46 -4.55
CA TYR B 235 6.67 -11.91 -5.62
C TYR B 235 7.14 -11.33 -6.96
N TRP B 236 7.10 -12.14 -7.99
CA TRP B 236 7.51 -11.68 -9.31
C TRP B 236 6.38 -11.88 -10.30
N HIS B 237 6.30 -10.99 -11.28
CA HIS B 237 5.34 -11.12 -12.36
C HIS B 237 6.25 -10.98 -13.56
N ASP B 238 6.51 -12.12 -14.22
CA ASP B 238 7.43 -12.16 -15.36
C ASP B 238 8.82 -11.75 -14.89
N GLY B 239 9.24 -12.32 -13.78
CA GLY B 239 10.55 -12.00 -13.24
C GLY B 239 11.63 -11.92 -14.30
N GLY B 240 12.52 -10.94 -14.14
CA GLY B 240 13.61 -10.75 -15.08
C GLY B 240 13.10 -10.56 -16.50
N GLN B 241 11.84 -10.19 -16.62
CA GLN B 241 11.29 -10.01 -17.94
C GLN B 241 11.27 -11.28 -18.75
N TRP B 242 11.09 -12.41 -18.06
CA TRP B 242 10.99 -13.69 -18.73
C TRP B 242 9.49 -13.99 -18.79
N ASN B 243 8.97 -14.18 -19.99
CA ASN B 243 7.56 -14.45 -20.13
C ASN B 243 7.19 -15.75 -19.45
N ASP B 244 6.39 -15.64 -18.39
CA ASP B 244 5.94 -16.78 -17.61
C ASP B 244 5.33 -17.89 -18.47
N ASP B 245 5.82 -19.11 -18.26
CA ASP B 245 5.39 -20.31 -18.95
C ASP B 245 6.01 -20.54 -20.33
N ALA B 246 6.91 -19.66 -20.74
CA ALA B 246 7.56 -19.84 -22.03
C ALA B 246 8.25 -21.19 -21.98
N GLU B 247 8.10 -21.99 -23.02
CA GLU B 247 8.73 -23.30 -23.07
C GLU B 247 10.06 -23.22 -23.80
N LEU B 248 11.13 -23.56 -23.09
CA LEU B 248 12.49 -23.53 -23.61
C LEU B 248 13.17 -24.90 -23.54
N ASN B 249 14.40 -24.97 -24.02
CA ASN B 249 15.18 -26.20 -23.97
C ASN B 249 16.65 -25.84 -24.07
N PHE B 250 17.31 -25.82 -22.91
CA PHE B 250 18.72 -25.49 -22.82
C PHE B 250 19.66 -26.68 -22.99
N GLY B 251 19.17 -27.73 -23.63
CA GLY B 251 20.02 -28.89 -23.85
C GLY B 251 19.91 -29.93 -22.77
N ASN B 252 18.76 -29.98 -22.11
CA ASN B 252 18.52 -30.96 -21.05
C ASN B 252 17.07 -31.38 -21.07
N GLY B 253 16.36 -30.97 -22.12
CA GLY B 253 14.95 -31.31 -22.22
C GLY B 253 14.09 -30.07 -22.11
N ASN B 254 12.86 -30.18 -22.59
CA ASN B 254 11.94 -29.05 -22.52
C ASN B 254 11.55 -28.74 -21.09
N PHE B 255 11.43 -27.46 -20.78
CA PHE B 255 11.03 -27.02 -19.46
C PHE B 255 10.23 -25.73 -19.65
N ASN B 256 9.43 -25.38 -18.65
CA ASN B 256 8.60 -24.18 -18.72
C ASN B 256 9.07 -23.15 -17.72
N VAL B 257 9.11 -21.90 -18.16
CA VAL B 257 9.54 -20.81 -17.30
C VAL B 257 8.49 -20.48 -16.25
N ARG B 258 8.93 -20.35 -15.01
CA ARG B 258 8.03 -20.01 -13.91
C ARG B 258 8.43 -18.66 -13.35
N SER B 259 8.34 -17.62 -14.19
CA SER B 259 8.73 -16.28 -13.81
C SER B 259 7.74 -15.54 -12.92
N THR B 260 6.54 -16.07 -12.76
CA THR B 260 5.56 -15.44 -11.88
C THR B 260 5.33 -16.29 -10.65
N GLY B 261 5.44 -15.68 -9.47
CA GLY B 261 5.24 -16.44 -8.25
C GLY B 261 6.04 -15.91 -7.08
N TRP B 262 5.99 -16.64 -5.98
CA TRP B 262 6.69 -16.27 -4.76
C TRP B 262 8.02 -16.95 -4.55
N GLY B 263 8.86 -16.29 -3.75
CA GLY B 263 10.16 -16.81 -3.41
C GLY B 263 10.48 -16.13 -2.10
N GLY B 264 11.54 -16.54 -1.42
CA GLY B 264 11.87 -15.92 -0.16
C GLY B 264 13.34 -15.79 0.13
N TYR B 265 13.65 -15.09 1.23
CA TYR B 265 15.02 -14.92 1.64
C TYR B 265 15.10 -14.87 3.15
N LEU B 266 16.22 -15.37 3.69
CA LEU B 266 16.48 -15.33 5.13
C LEU B 266 17.78 -14.53 5.21
N VAL B 267 17.79 -13.51 6.04
CA VAL B 267 18.96 -12.67 6.16
C VAL B 267 19.45 -12.40 7.57
N VAL B 268 20.67 -12.87 7.85
CA VAL B 268 21.28 -12.65 9.15
C VAL B 268 22.54 -11.83 8.90
N GLY B 269 22.63 -10.69 9.56
CA GLY B 269 23.78 -9.82 9.37
C GLY B 269 24.24 -9.11 10.64
N TYR B 270 25.20 -8.21 10.47
CA TYR B 270 25.75 -7.47 11.59
C TYR B 270 26.00 -6.04 11.14
N ASN B 271 25.41 -5.09 11.85
CA ASN B 271 25.60 -3.68 11.53
C ASN B 271 26.83 -3.18 12.30
N PHE B 272 27.92 -2.98 11.57
CA PHE B 272 29.18 -2.51 12.14
C PHE B 272 29.10 -1.07 12.64
#